data_4O62
#
_entry.id   4O62
#
_cell.length_a   127.095
_cell.length_b   127.095
_cell.length_c   63.046
_cell.angle_alpha   90.000
_cell.angle_beta   90.000
_cell.angle_gamma   120.000
#
_symmetry.space_group_name_H-M   'H 3'
#
loop_
_entity.id
_entity.type
_entity.pdbx_description
1 polymer 'Zinc finger CW-type PWWP domain protein 2'
2 polymer 'Histone H3.3'
3 non-polymer 'ZINC ION'
4 non-polymer 'UNKNOWN ATOM OR ION'
5 water water
#
loop_
_entity_poly.entity_id
_entity_poly.type
_entity_poly.pdbx_seq_one_letter_code
_entity_poly.pdbx_strand_id
1 'polypeptide(L)' GVENMYVNKVWVQCENENCLKWRLLSSEDSAKVDHDEPWYCFMNTDSRYNNCSISEEDF A,B,C
2 'polypeptide(L)' ART(M3L)QTARKST D
#
loop_
_chem_comp.id
_chem_comp.type
_chem_comp.name
_chem_comp.formula
UNX non-polymer 'UNKNOWN ATOM OR ION' ?
ZN non-polymer 'ZINC ION' 'Zn 2'
#
# COMPACT_ATOMS: atom_id res chain seq x y z
N GLU A 3 -5.27 -19.35 -14.84
CA GLU A 3 -6.28 -18.27 -14.69
C GLU A 3 -5.77 -17.20 -13.72
N ASN A 4 -5.84 -15.94 -14.13
CA ASN A 4 -5.33 -14.84 -13.32
C ASN A 4 -6.25 -14.65 -12.13
N MET A 5 -5.65 -14.57 -10.96
CA MET A 5 -6.36 -14.31 -9.71
C MET A 5 -6.31 -12.85 -9.26
N TYR A 6 -5.64 -12.00 -10.04
CA TYR A 6 -5.68 -10.54 -9.84
C TYR A 6 -5.26 -10.19 -8.40
N VAL A 7 -4.09 -10.70 -8.04
CA VAL A 7 -3.55 -10.49 -6.69
C VAL A 7 -2.55 -9.29 -6.73
N ASN A 8 -2.73 -8.39 -5.78
CA ASN A 8 -1.90 -7.21 -5.71
C ASN A 8 -0.44 -7.55 -5.42
N LYS A 9 0.48 -6.62 -5.73
CA LYS A 9 1.92 -6.77 -5.40
C LYS A 9 2.13 -5.87 -4.22
N VAL A 10 2.43 -6.47 -3.07
CA VAL A 10 2.39 -5.72 -1.83
C VAL A 10 3.80 -5.57 -1.19
N TRP A 11 3.94 -4.44 -0.49
CA TRP A 11 5.11 -4.19 0.35
C TRP A 11 4.91 -4.75 1.75
N VAL A 12 5.93 -5.45 2.23
CA VAL A 12 5.96 -5.98 3.57
CA VAL A 12 5.95 -5.96 3.58
C VAL A 12 7.32 -5.60 4.22
N GLN A 13 7.29 -5.30 5.50
CA GLN A 13 8.51 -5.00 6.25
C GLN A 13 9.03 -6.22 7.05
N CYS A 14 10.33 -6.48 6.91
CA CYS A 14 10.99 -7.52 7.63
C CYS A 14 10.87 -7.23 9.13
N GLU A 15 10.59 -8.29 9.89
CA GLU A 15 10.41 -8.15 11.33
C GLU A 15 11.65 -8.53 12.11
N ASN A 16 12.77 -8.82 11.44
CA ASN A 16 14.08 -8.93 12.12
C ASN A 16 14.44 -7.50 12.57
N GLU A 17 14.44 -7.28 13.88
CA GLU A 17 14.70 -5.98 14.50
C GLU A 17 16.08 -5.42 14.09
N ASN A 18 17.01 -6.29 13.69
CA ASN A 18 18.30 -5.84 13.17
C ASN A 18 18.22 -5.31 11.73
N CYS A 19 17.11 -5.61 11.04
CA CYS A 19 17.00 -5.37 9.61
C CYS A 19 15.93 -4.34 9.30
N LEU A 20 14.65 -4.70 9.48
CA LEU A 20 13.53 -3.75 9.26
C LEU A 20 13.41 -3.19 7.82
N LYS A 21 14.02 -3.87 6.85
CA LYS A 21 13.90 -3.47 5.46
C LYS A 21 12.51 -3.81 4.86
N TRP A 22 12.09 -2.99 3.91
CA TRP A 22 10.85 -3.16 3.16
C TRP A 22 11.12 -3.92 1.86
N ARG A 23 10.18 -4.81 1.52
CA ARG A 23 10.34 -5.75 0.43
C ARG A 23 9.04 -5.73 -0.38
N LEU A 24 9.19 -5.67 -1.70
CA LEU A 24 8.00 -5.70 -2.58
C LEU A 24 7.85 -7.13 -3.09
N LEU A 25 6.68 -7.71 -2.82
CA LEU A 25 6.41 -9.12 -3.11
C LEU A 25 5.76 -9.30 -4.48
N SER A 26 6.09 -10.42 -5.10
CA SER A 26 5.31 -10.89 -6.26
C SER A 26 3.85 -11.08 -5.87
N SER A 27 2.99 -11.15 -6.88
CA SER A 27 1.57 -11.45 -6.67
C SER A 27 1.41 -12.79 -5.95
N GLU A 28 2.15 -13.79 -6.37
CA GLU A 28 2.03 -15.10 -5.74
C GLU A 28 2.43 -15.08 -4.27
N ASP A 29 3.56 -14.44 -3.95
CA ASP A 29 3.99 -14.36 -2.56
C ASP A 29 3.05 -13.52 -1.73
N SER A 30 2.45 -12.50 -2.34
CA SER A 30 1.50 -11.63 -1.68
C SER A 30 0.23 -12.42 -1.22
N ALA A 31 -0.26 -13.31 -2.09
CA ALA A 31 -1.35 -14.22 -1.71
C ALA A 31 -0.98 -15.18 -0.59
N LYS A 32 0.28 -15.64 -0.59
CA LYS A 32 0.69 -16.70 0.30
C LYS A 32 1.05 -16.19 1.71
N VAL A 33 1.30 -14.89 1.86
CA VAL A 33 1.68 -14.37 3.18
C VAL A 33 0.66 -14.79 4.24
N ASP A 34 1.17 -15.36 5.33
CA ASP A 34 0.39 -15.64 6.53
C ASP A 34 0.49 -14.41 7.42
N HIS A 35 -0.61 -13.70 7.51
CA HIS A 35 -0.71 -12.46 8.31
C HIS A 35 -0.76 -12.71 9.80
N ASP A 36 -0.85 -13.98 10.24
CA ASP A 36 -0.86 -14.32 11.67
C ASP A 36 0.54 -14.68 12.17
N GLU A 37 1.54 -14.68 11.26
CA GLU A 37 2.91 -15.00 11.59
C GLU A 37 3.84 -13.81 11.20
N PRO A 38 4.99 -13.71 11.89
CA PRO A 38 6.05 -12.77 11.48
C PRO A 38 6.55 -13.02 10.07
N TRP A 39 6.95 -11.97 9.39
CA TRP A 39 7.52 -12.05 8.06
C TRP A 39 8.95 -11.51 8.10
N TYR A 40 9.85 -12.21 7.40
CA TYR A 40 11.30 -11.90 7.35
C TYR A 40 11.76 -12.04 5.92
N CYS A 41 12.87 -11.37 5.63
CA CYS A 41 13.41 -11.29 4.29
C CYS A 41 13.56 -12.62 3.58
N PHE A 42 14.01 -13.63 4.33
CA PHE A 42 14.31 -14.92 3.74
C PHE A 42 13.07 -15.61 3.19
N MET A 43 11.91 -15.13 3.60
CA MET A 43 10.61 -15.71 3.14
C MET A 43 10.18 -15.17 1.77
N ASN A 44 10.88 -14.14 1.28
CA ASN A 44 10.69 -13.62 -0.06
C ASN A 44 11.25 -14.61 -1.09
N THR A 45 10.46 -15.04 -2.07
CA THR A 45 11.02 -15.92 -3.12
C THR A 45 11.74 -15.13 -4.24
N ASP A 46 11.67 -13.79 -4.20
CA ASP A 46 12.45 -12.94 -5.09
C ASP A 46 13.94 -13.06 -4.72
N SER A 47 14.69 -13.78 -5.53
CA SER A 47 16.06 -14.09 -5.14
C SER A 47 16.98 -12.85 -5.19
N ARG A 48 16.49 -11.71 -5.69
CA ARG A 48 17.26 -10.46 -5.71
C ARG A 48 17.23 -9.78 -4.36
N TYR A 49 16.18 -10.00 -3.58
CA TYR A 49 15.92 -9.21 -2.34
C TYR A 49 15.50 -10.10 -1.17
N ASN A 50 16.04 -11.32 -1.12
CA ASN A 50 15.52 -12.34 -0.20
C ASN A 50 16.45 -12.61 0.98
N ASN A 51 17.17 -11.58 1.45
CA ASN A 51 18.05 -11.75 2.59
C ASN A 51 18.23 -10.39 3.27
N CYS A 52 18.26 -10.41 4.61
CA CYS A 52 18.44 -9.21 5.43
C CYS A 52 19.73 -8.45 5.08
N SER A 53 20.72 -9.16 4.55
CA SER A 53 22.01 -8.54 4.20
C SER A 53 21.96 -7.81 2.85
N ILE A 54 20.87 -7.95 2.10
CA ILE A 54 20.67 -7.27 0.83
C ILE A 54 19.95 -5.94 1.02
N SER A 55 20.46 -4.87 0.37
CA SER A 55 19.88 -3.54 0.45
CA SER A 55 19.87 -3.53 0.48
C SER A 55 18.43 -3.54 0.01
N GLU A 56 17.66 -2.60 0.54
CA GLU A 56 16.30 -2.38 0.12
C GLU A 56 16.32 -1.93 -1.35
N GLU A 57 15.35 -2.41 -2.12
CA GLU A 57 15.20 -2.05 -3.54
C GLU A 57 14.98 -0.54 -3.75
N ASP A 58 15.54 0.03 -4.80
CA ASP A 58 15.08 1.35 -5.28
C ASP A 58 13.72 1.23 -5.97
N GLU B 3 0.38 2.38 34.01
CA GLU B 3 -1.09 2.65 34.19
C GLU B 3 -1.70 3.03 32.83
N ASN B 4 -2.98 3.41 32.84
CA ASN B 4 -3.63 3.94 31.64
C ASN B 4 -3.14 5.38 31.40
N MET B 5 -2.71 5.66 30.16
CA MET B 5 -2.24 7.00 29.77
C MET B 5 -3.36 7.93 29.22
N TYR B 6 -4.56 7.39 29.01
CA TYR B 6 -5.73 8.19 28.57
C TYR B 6 -5.42 9.01 27.31
N VAL B 7 -4.77 8.39 26.33
CA VAL B 7 -4.39 9.10 25.13
C VAL B 7 -5.53 9.07 24.14
N ASN B 8 -5.87 10.21 23.53
CA ASN B 8 -6.89 10.25 22.49
C ASN B 8 -6.31 9.85 21.16
N LYS B 9 -7.17 9.22 20.36
CA LYS B 9 -6.84 8.92 18.99
C LYS B 9 -6.92 10.21 18.15
N VAL B 10 -5.99 10.37 17.23
CA VAL B 10 -6.04 11.53 16.30
C VAL B 10 -6.10 11.02 14.85
N TRP B 11 -6.64 11.86 13.99
CA TRP B 11 -6.43 11.70 12.55
C TRP B 11 -5.13 12.38 12.15
N VAL B 12 -4.40 11.73 11.26
CA VAL B 12 -3.18 12.28 10.65
C VAL B 12 -3.29 12.14 9.13
N GLN B 13 -2.79 13.13 8.41
CA GLN B 13 -2.82 13.10 6.95
C GLN B 13 -1.51 12.58 6.37
N CYS B 14 -1.63 11.64 5.45
CA CYS B 14 -0.49 11.22 4.64
C CYS B 14 0.05 12.39 3.77
N GLU B 15 1.39 12.52 3.75
CA GLU B 15 2.05 13.56 2.99
C GLU B 15 2.59 13.08 1.65
N ASN B 16 2.25 11.85 1.25
CA ASN B 16 2.51 11.41 -0.13
C ASN B 16 1.54 12.26 -1.00
N GLU B 17 2.11 13.09 -1.89
CA GLU B 17 1.35 14.04 -2.73
C GLU B 17 0.33 13.27 -3.59
N ASN B 18 0.61 12.00 -3.86
CA ASN B 18 -0.29 11.15 -4.63
C ASN B 18 -1.44 10.61 -3.82
N CYS B 19 -1.34 10.71 -2.49
CA CYS B 19 -2.28 10.07 -1.60
C CYS B 19 -3.12 11.07 -0.83
N LEU B 20 -2.52 11.71 0.18
CA LEU B 20 -3.16 12.76 0.97
C LEU B 20 -4.36 12.27 1.77
N LYS B 21 -4.42 10.97 2.01
CA LYS B 21 -5.52 10.39 2.79
C LYS B 21 -5.34 10.64 4.30
N TRP B 22 -6.47 10.73 4.99
CA TRP B 22 -6.51 10.86 6.45
C TRP B 22 -6.65 9.49 7.08
N ARG B 23 -5.82 9.24 8.09
CA ARG B 23 -5.74 7.97 8.80
C ARG B 23 -5.99 8.16 10.28
N LEU B 24 -6.83 7.31 10.85
CA LEU B 24 -7.18 7.39 12.29
C LEU B 24 -6.24 6.52 13.11
N LEU B 25 -5.40 7.15 13.93
CA LEU B 25 -4.37 6.39 14.65
C LEU B 25 -4.86 5.82 15.96
N SER B 26 -4.29 4.69 16.34
CA SER B 26 -4.50 4.16 17.69
C SER B 26 -4.02 5.19 18.71
N SER B 27 -4.46 5.00 19.95
CA SER B 27 -3.98 5.83 21.08
C SER B 27 -2.47 5.79 21.14
N GLU B 28 -1.91 4.59 21.06
CA GLU B 28 -0.47 4.41 21.15
C GLU B 28 0.27 5.14 20.03
N ASP B 29 -0.19 4.96 18.78
CA ASP B 29 0.44 5.68 17.67
C ASP B 29 0.23 7.18 17.77
N SER B 30 -0.89 7.60 18.35
CA SER B 30 -1.23 9.01 18.44
C SER B 30 -0.26 9.74 19.43
N ALA B 31 0.12 9.05 20.50
CA ALA B 31 1.12 9.58 21.47
C ALA B 31 2.50 9.71 20.83
N LYS B 32 2.82 8.76 19.92
CA LYS B 32 4.16 8.66 19.36
C LYS B 32 4.40 9.59 18.19
N VAL B 33 3.32 10.03 17.54
CA VAL B 33 3.43 10.83 16.31
CA VAL B 33 3.50 10.74 16.30
C VAL B 33 4.36 12.00 16.54
N ASP B 34 5.35 12.18 15.67
CA ASP B 34 6.21 13.35 15.77
C ASP B 34 5.56 14.46 14.94
N HIS B 35 4.98 15.44 15.65
CA HIS B 35 4.27 16.51 14.96
C HIS B 35 5.17 17.42 14.09
N ASP B 36 6.50 17.35 14.28
CA ASP B 36 7.41 18.20 13.56
C ASP B 36 7.98 17.54 12.33
N GLU B 37 7.55 16.30 12.03
CA GLU B 37 8.08 15.56 10.90
C GLU B 37 6.96 15.10 9.99
N PRO B 38 7.28 14.82 8.72
CA PRO B 38 6.30 14.27 7.79
C PRO B 38 5.71 12.97 8.30
N TRP B 39 4.48 12.68 7.88
CA TRP B 39 3.85 11.40 8.18
C TRP B 39 3.33 10.82 6.88
N TYR B 40 3.47 9.50 6.73
CA TYR B 40 2.97 8.76 5.55
C TYR B 40 2.25 7.48 5.99
N CYS B 41 1.36 6.95 5.14
CA CYS B 41 0.53 5.82 5.51
C CYS B 41 1.34 4.64 5.99
N PHE B 42 2.54 4.40 5.43
CA PHE B 42 3.31 3.21 5.83
C PHE B 42 3.75 3.24 7.28
N MET B 43 3.73 4.43 7.87
CA MET B 43 4.07 4.63 9.28
C MET B 43 2.96 4.24 10.25
N ASN B 44 1.74 4.05 9.75
CA ASN B 44 0.62 3.53 10.55
C ASN B 44 0.88 2.07 10.98
N THR B 45 0.78 1.77 12.28
CA THR B 45 0.89 0.39 12.71
C THR B 45 -0.45 -0.36 12.52
N ASP B 46 -1.53 0.37 12.21
CA ASP B 46 -2.81 -0.24 11.90
C ASP B 46 -2.71 -0.95 10.52
N SER B 47 -2.59 -2.28 10.53
CA SER B 47 -2.31 -3.01 9.30
C SER B 47 -3.51 -3.01 8.33
N ARG B 48 -4.68 -2.54 8.78
CA ARG B 48 -5.84 -2.29 7.91
C ARG B 48 -5.81 -1.01 7.11
N TYR B 49 -4.95 -0.05 7.47
CA TYR B 49 -4.95 1.26 6.81
C TYR B 49 -3.51 1.82 6.69
N ASN B 50 -2.57 0.93 6.45
CA ASN B 50 -1.16 1.29 6.50
C ASN B 50 -0.50 1.32 5.11
N ASN B 51 -1.27 1.68 4.10
CA ASN B 51 -0.74 1.71 2.72
C ASN B 51 -1.52 2.75 1.96
N CYS B 52 -0.83 3.53 1.14
CA CYS B 52 -1.50 4.59 0.39
C CYS B 52 -2.56 4.03 -0.56
N SER B 53 -2.45 2.75 -0.90
CA SER B 53 -3.44 2.10 -1.83
C SER B 53 -4.78 1.82 -1.18
N ILE B 54 -4.83 1.90 0.15
CA ILE B 54 -6.00 1.50 0.90
C ILE B 54 -6.92 2.65 1.05
N SER B 55 -8.22 2.44 0.78
CA SER B 55 -9.12 3.57 0.78
C SER B 55 -9.22 4.16 2.22
N GLU B 56 -9.57 5.46 2.25
CA GLU B 56 -9.74 6.21 3.47
C GLU B 56 -10.95 5.68 4.24
N GLU B 57 -10.78 5.47 5.54
CA GLU B 57 -11.87 5.15 6.45
C GLU B 57 -12.94 6.29 6.45
N ASP B 58 -14.20 5.91 6.64
CA ASP B 58 -15.31 6.89 6.71
C ASP B 58 -15.14 7.92 7.81
N PHE B 59 -15.51 9.16 7.49
CA PHE B 59 -15.77 10.18 8.52
C PHE B 59 -16.95 11.08 8.11
C VAL C 2 12.57 9.79 -2.88
N GLU C 3 11.79 9.86 -1.79
CA GLU C 3 11.77 8.82 -0.75
C GLU C 3 10.67 7.76 -1.08
N ASN C 4 10.92 6.49 -0.75
CA ASN C 4 9.96 5.43 -1.12
C ASN C 4 8.80 5.44 -0.11
N MET C 5 7.59 5.46 -0.65
CA MET C 5 6.34 5.50 0.11
C MET C 5 5.76 4.09 0.32
N TYR C 6 6.36 3.09 -0.29
CA TYR C 6 5.97 1.67 -0.15
C TYR C 6 4.50 1.44 -0.48
N VAL C 7 4.10 1.91 -1.65
CA VAL C 7 2.73 1.82 -2.08
C VAL C 7 2.54 0.58 -2.93
N ASN C 8 1.51 -0.18 -2.60
CA ASN C 8 1.20 -1.44 -3.28
C ASN C 8 0.72 -1.16 -4.72
N LYS C 9 0.91 -2.15 -5.58
CA LYS C 9 0.43 -2.11 -6.99
C LYS C 9 -0.82 -2.92 -7.00
N VAL C 10 -1.93 -2.24 -7.23
CA VAL C 10 -3.23 -2.87 -7.07
C VAL C 10 -3.98 -3.07 -8.42
N TRP C 11 -4.76 -4.13 -8.42
CA TRP C 11 -5.63 -4.45 -9.56
C TRP C 11 -6.98 -3.71 -9.41
N VAL C 12 -7.45 -3.12 -10.49
CA VAL C 12 -8.75 -2.48 -10.52
CA VAL C 12 -8.74 -2.42 -10.54
C VAL C 12 -9.46 -2.93 -11.77
N GLN C 13 -10.78 -2.98 -11.70
CA GLN C 13 -11.56 -3.49 -12.82
C GLN C 13 -12.25 -2.33 -13.56
N CYS C 14 -12.16 -2.35 -14.90
CA CYS C 14 -12.84 -1.39 -15.74
C CYS C 14 -14.34 -1.56 -15.54
N GLU C 15 -15.04 -0.45 -15.42
CA GLU C 15 -16.50 -0.48 -15.22
C GLU C 15 -17.30 -0.24 -16.51
N ASN C 16 -16.63 -0.22 -17.66
CA ASN C 16 -17.33 -0.27 -18.94
C ASN C 16 -17.92 -1.68 -19.07
N GLU C 17 -19.25 -1.78 -19.14
CA GLU C 17 -19.92 -3.06 -19.19
C GLU C 17 -19.52 -3.88 -20.43
N ASN C 18 -19.07 -3.22 -21.49
CA ASN C 18 -18.56 -3.90 -22.67
C ASN C 18 -17.16 -4.44 -22.51
N CYS C 19 -16.49 -4.07 -21.43
CA CYS C 19 -15.05 -4.37 -21.27
C CYS C 19 -14.84 -5.26 -20.06
N LEU C 20 -14.96 -4.69 -18.86
CA LEU C 20 -14.83 -5.43 -17.57
C LEU C 20 -13.45 -6.05 -17.36
N LYS C 21 -12.44 -5.52 -18.06
CA LYS C 21 -11.10 -6.00 -17.91
C LYS C 21 -10.42 -5.47 -16.62
N TRP C 22 -9.54 -6.30 -16.08
CA TRP C 22 -8.77 -5.98 -14.89
C TRP C 22 -7.43 -5.39 -15.32
N ARG C 23 -7.01 -4.38 -14.59
CA ARG C 23 -5.79 -3.61 -14.88
C ARG C 23 -4.97 -3.48 -13.62
N LEU C 24 -3.67 -3.70 -13.74
CA LEU C 24 -2.75 -3.56 -12.61
C LEU C 24 -2.10 -2.18 -12.61
N LEU C 25 -2.38 -1.41 -11.55
CA LEU C 25 -1.93 -0.04 -11.48
C LEU C 25 -0.51 0.09 -10.93
N SER C 26 0.20 1.12 -11.40
CA SER C 26 1.47 1.53 -10.83
C SER C 26 1.24 1.91 -9.35
N SER C 27 2.32 2.03 -8.59
CA SER C 27 2.19 2.48 -7.19
C SER C 27 1.58 3.89 -7.13
N GLU C 28 2.00 4.73 -8.07
CA GLU C 28 1.50 6.08 -8.18
C GLU C 28 0.00 6.12 -8.43
N ASP C 29 -0.48 5.38 -9.45
CA ASP C 29 -1.89 5.35 -9.70
C ASP C 29 -2.68 4.64 -8.59
N SER C 30 -2.08 3.65 -7.92
CA SER C 30 -2.73 2.94 -6.83
C SER C 30 -3.00 3.87 -5.64
N ALA C 31 -2.09 4.83 -5.41
CA ALA C 31 -2.27 5.86 -4.38
C ALA C 31 -3.31 6.91 -4.79
N LYS C 32 -3.35 7.23 -6.09
CA LYS C 32 -4.23 8.28 -6.62
C LYS C 32 -5.66 7.87 -6.78
N VAL C 33 -5.90 6.60 -7.04
CA VAL C 33 -7.24 6.18 -7.45
C VAL C 33 -8.24 6.41 -6.33
N ASP C 34 -9.44 6.82 -6.70
CA ASP C 34 -10.56 6.94 -5.73
C ASP C 34 -11.56 5.85 -6.07
N HIS C 35 -11.61 4.80 -5.24
CA HIS C 35 -12.46 3.61 -5.48
C HIS C 35 -13.96 3.86 -5.22
N ASP C 36 -14.34 4.99 -4.58
CA ASP C 36 -15.74 5.46 -4.57
C ASP C 36 -16.20 6.23 -5.88
N GLU C 37 -15.35 6.34 -6.91
CA GLU C 37 -15.77 6.86 -8.23
C GLU C 37 -15.55 5.75 -9.25
N PRO C 38 -16.28 5.81 -10.36
CA PRO C 38 -16.08 4.81 -11.41
C PRO C 38 -14.66 4.86 -11.97
N TRP C 39 -14.15 3.69 -12.35
CA TRP C 39 -12.83 3.54 -12.94
C TRP C 39 -13.01 2.81 -14.28
N TYR C 40 -12.28 3.31 -15.29
CA TYR C 40 -12.32 2.82 -16.69
C TYR C 40 -10.91 2.74 -17.21
N CYS C 41 -10.69 1.81 -18.15
CA CYS C 41 -9.33 1.61 -18.72
C CYS C 41 -8.60 2.87 -19.12
N PHE C 42 -9.30 3.86 -19.68
CA PHE C 42 -8.67 5.05 -20.19
C PHE C 42 -8.03 5.86 -19.09
N MET C 43 -8.43 5.59 -17.84
CA MET C 43 -7.87 6.31 -16.68
C MET C 43 -6.51 5.77 -16.22
N ASN C 44 -6.12 4.62 -16.76
CA ASN C 44 -4.84 4.02 -16.47
C ASN C 44 -3.70 4.81 -17.11
N THR C 45 -2.74 5.28 -16.32
CA THR C 45 -1.60 5.99 -16.92
C THR C 45 -0.53 5.01 -17.49
N ASP C 46 -0.70 3.70 -17.32
CA ASP C 46 0.11 2.67 -18.00
C ASP C 46 -0.25 2.64 -19.47
N SER C 47 0.59 3.23 -20.30
CA SER C 47 0.26 3.33 -21.72
C SER C 47 0.23 1.95 -22.43
N ARG C 48 0.67 0.87 -21.78
CA ARG C 48 0.57 -0.47 -22.41
C ARG C 48 -0.84 -1.05 -22.29
N TYR C 49 -1.60 -0.58 -21.29
CA TYR C 49 -2.86 -1.23 -20.90
C TYR C 49 -3.92 -0.20 -20.56
N ASN C 50 -4.00 0.84 -21.37
CA ASN C 50 -4.86 2.01 -21.06
C ASN C 50 -6.07 2.24 -22.04
N ASN C 51 -6.62 1.16 -22.56
CA ASN C 51 -7.76 1.21 -23.46
C ASN C 51 -8.54 -0.07 -23.38
N CYS C 52 -9.88 0.00 -23.44
CA CYS C 52 -10.69 -1.19 -23.36
C CYS C 52 -10.44 -2.16 -24.52
N SER C 53 -9.85 -1.67 -25.62
CA SER C 53 -9.51 -2.56 -26.77
C SER C 53 -8.30 -3.43 -26.53
N ILE C 54 -7.55 -3.18 -25.48
CA ILE C 54 -6.29 -3.88 -25.24
C ILE C 54 -6.53 -5.06 -24.30
N SER C 55 -5.96 -6.20 -24.65
CA SER C 55 -6.06 -7.40 -23.84
CA SER C 55 -6.10 -7.39 -23.82
C SER C 55 -5.58 -7.16 -22.40
N GLU C 56 -6.13 -7.90 -21.46
CA GLU C 56 -5.55 -7.97 -20.10
C GLU C 56 -4.11 -8.45 -20.14
N GLU C 57 -3.32 -7.89 -19.25
CA GLU C 57 -1.93 -8.29 -19.01
C GLU C 57 -1.81 -9.79 -18.70
N ASP C 58 -0.73 -10.44 -19.16
CA ASP C 58 -0.50 -11.93 -19.00
C ASP C 58 -0.30 -12.48 -17.59
N ALA D 1 3.85 16.65 10.95
CA ALA D 1 2.55 15.88 10.80
C ALA D 1 1.36 16.79 11.01
N ARG D 2 0.38 16.66 10.13
CA ARG D 2 -0.86 17.40 10.20
C ARG D 2 -1.89 16.47 10.81
N THR D 3 -2.52 16.91 11.91
CA THR D 3 -3.40 16.03 12.70
C THR D 3 -4.74 16.70 13.05
N M3L D 4 -5.74 15.90 13.42
CA M3L D 4 -7.03 16.40 13.88
CB M3L D 4 -8.23 16.23 12.90
CG M3L D 4 -8.16 16.94 11.55
CD M3L D 4 -9.44 16.71 10.72
CE M3L D 4 -9.57 15.26 10.18
NZ M3L D 4 -10.70 15.01 9.23
C M3L D 4 -7.41 15.59 15.09
O M3L D 4 -7.38 14.35 15.04
CM1 M3L D 4 -11.98 15.53 9.73
CM2 M3L D 4 -10.86 13.55 9.05
CM3 M3L D 4 -10.43 15.61 7.90
N GLN D 5 -7.78 16.27 16.18
CA GLN D 5 -8.26 15.58 17.43
C GLN D 5 -9.62 14.91 17.15
N THR D 6 -9.92 13.78 17.79
CA THR D 6 -11.26 13.17 17.62
C THR D 6 -12.24 13.69 18.70
ZN ZN E . 15.32 -8.58 6.84
UNK UNX F . -5.14 -13.90 7.15
UNK UNX G . 17.69 -0.98 12.70
UNK UNX H . 6.82 -15.50 -6.83
UNK UNX I . 13.21 0.46 7.46
UNK UNX J . 13.52 1.26 5.36
UNK UNX K . 14.20 -9.55 15.79
UNK UNX L . 2.73 -10.74 7.98
UNK UNX M . 17.52 -13.12 5.87
UNK UNX N . 19.97 -10.61 12.29
UNK UNX O . -9.95 -14.83 -13.43
UNK UNX P . -7.30 -15.07 -16.67
ZN ZN Q . -0.75 7.60 1.91
UNK UNX R . -6.84 -3.33 4.62
UNK UNX S . -3.80 5.42 26.46
UNK UNX T . -4.83 -4.32 4.35
UNK UNX U . -4.50 12.91 -4.93
UNK UNX V . -7.55 3.29 14.48
UNK UNX W . -2.86 -3.90 13.02
UNK UNX X . -6.47 2.67 20.46
ZN ZN Y . -12.08 -1.15 -20.20
UNK UNX Z . 4.96 1.36 -9.93
UNK UNX AA . -10.29 4.29 -2.71
UNK UNX BA . -20.07 -1.36 -14.57
UNK UNX CA . 1.22 -4.25 2.17
UNK UNX DA . 10.98 5.42 2.85
UNK UNX EA . -13.52 -9.47 -16.48
UNK UNX FA . 4.63 4.35 -9.64
UNK UNX GA . -11.98 5.67 -9.85
UNK UNX HA . -12.01 3.13 -21.16
#